data_4XDU
#
_entry.id   4XDU
#
_cell.length_a   116.830
_cell.length_b   46.814
_cell.length_c   57.501
_cell.angle_alpha   90.000
_cell.angle_beta   102.220
_cell.angle_gamma   90.000
#
_symmetry.space_group_name_H-M   'C 1 2 1'
#
loop_
_entity.id
_entity.type
_entity.pdbx_description
1 polymer 'FAD:protein FMN transferase'
2 non-polymer 'MAGNESIUM ION'
3 non-polymer 'SODIUM ION'
4 non-polymer "ADENOSINE-5'-DIPHOSPHATE"
5 non-polymer 1,2-ETHANEDIOL
6 non-polymer 'ACETATE ION'
7 water water
#
_entity_poly.entity_id   1
_entity_poly.type   'polypeptide(L)'
_entity_poly.pdbx_seq_one_letter_code
;CGGRARVREYSRAELVIGTLCRVRVYSKRPAAEVHAALEEVFTLLQQQEMVLSAYRDDSALAALNAQAGSAPVVVDRSLY
ALLERALFFAEKSGGAFNPALGAVVKLWNIGFDRAAVPDPDALKEALTRCDFRQVHLRAGVSVGAPHTVQLAQAGMQLDL
GAIAKGFLADKIVQLLTAHALDSALVDLGGNIFALGLKYGDVRSAAAQRLEWNVGIRDPHGTGQKPALVVSVRDCSVVTS
GAYERFFERDGVRYHHIIDPVTGFPAHTDVDSVSIFAPRSTDADALATACFVLGYEKSCALLREFPGVDALFIFPDKRVR
ASAGIVDRVRVLDARFVLER
;
_entity_poly.pdbx_strand_id   A
#
loop_
_chem_comp.id
_chem_comp.type
_chem_comp.name
_chem_comp.formula
ACT non-polymer 'ACETATE ION' 'C2 H3 O2 -1'
ADP non-polymer ADENOSINE-5'-DIPHOSPHATE 'C10 H15 N5 O10 P2'
EDO non-polymer 1,2-ETHANEDIOL 'C2 H6 O2'
MG non-polymer 'MAGNESIUM ION' 'Mg 2'
NA non-polymer 'SODIUM ION' 'Na 1'
#
# COMPACT_ATOMS: atom_id res chain seq x y z
N ALA A 5 -7.96 -29.49 22.36
CA ALA A 5 -8.10 -28.10 21.95
C ALA A 5 -8.66 -28.01 20.53
N ARG A 6 -9.70 -27.20 20.37
CA ARG A 6 -10.40 -27.09 19.11
C ARG A 6 -9.99 -25.84 18.33
N VAL A 7 -10.07 -25.93 17.02
CA VAL A 7 -9.87 -24.79 16.16
C VAL A 7 -11.12 -23.94 16.13
N ARG A 8 -10.95 -22.64 16.25
CA ARG A 8 -12.04 -21.70 16.12
C ARG A 8 -11.60 -20.65 15.10
N GLU A 9 -12.59 -20.08 14.41
CA GLU A 9 -12.36 -19.04 13.41
C GLU A 9 -12.99 -17.74 13.91
N TYR A 10 -12.26 -16.65 13.80
CA TYR A 10 -12.69 -15.35 14.29
C TYR A 10 -12.51 -14.31 13.19
N SER A 11 -13.33 -13.27 13.22
CA SER A 11 -13.03 -12.08 12.42
C SER A 11 -13.54 -10.87 13.15
N ARG A 12 -12.92 -9.73 12.85
CA ARG A 12 -13.36 -8.44 13.36
C ARG A 12 -13.06 -7.38 12.29
N ALA A 13 -13.97 -6.42 12.15
CA ALA A 13 -13.80 -5.37 11.15
C ALA A 13 -14.31 -4.05 11.68
N GLU A 14 -13.58 -3.00 11.31
CA GLU A 14 -13.91 -1.64 11.72
C GLU A 14 -13.55 -0.68 10.61
N LEU A 15 -14.23 0.45 10.59
CA LEU A 15 -13.86 1.58 9.74
C LEU A 15 -12.78 2.36 10.46
N VAL A 16 -11.59 2.38 9.88
CA VAL A 16 -10.43 3.06 10.45
C VAL A 16 -9.41 3.26 9.33
N ILE A 17 -8.49 4.20 9.50
CA ILE A 17 -7.57 4.68 8.44
C ILE A 17 -8.28 4.91 7.11
N GLY A 18 -9.51 5.42 7.20
CA GLY A 18 -10.26 5.82 6.02
C GLY A 18 -10.85 4.70 5.19
N THR A 19 -10.83 3.49 5.71
CA THR A 19 -11.32 2.35 4.94
C THR A 19 -11.79 1.23 5.86
N LEU A 20 -12.29 0.17 5.27
CA LEU A 20 -12.71 -0.98 6.04
C LEU A 20 -11.52 -1.87 6.28
N CYS A 21 -11.24 -2.15 7.55
CA CYS A 21 -10.15 -3.02 7.94
C CYS A 21 -10.68 -4.22 8.65
N ARG A 22 -10.30 -5.39 8.16
CA ARG A 22 -10.82 -6.67 8.65
C ARG A 22 -9.67 -7.61 8.91
N VAL A 23 -9.75 -8.36 10.01
CA VAL A 23 -8.77 -9.40 10.30
C VAL A 23 -9.54 -10.68 10.67
N ARG A 24 -9.14 -11.77 10.01
CA ARG A 24 -9.71 -13.11 10.18
C ARG A 24 -8.60 -13.96 10.73
N VAL A 25 -8.91 -14.77 11.76
CA VAL A 25 -7.92 -15.59 12.45
C VAL A 25 -8.46 -16.99 12.65
N TYR A 26 -7.62 -18.00 12.45
CA TYR A 26 -7.93 -19.36 12.91
C TYR A 26 -6.96 -19.66 14.05
N SER A 27 -7.44 -20.21 15.16
CA SER A 27 -6.57 -20.48 16.29
C SER A 27 -7.11 -21.56 17.17
N LYS A 28 -6.21 -22.30 17.81
CA LYS A 28 -6.55 -23.23 18.89
C LYS A 28 -6.27 -22.64 20.29
N ARG A 29 -5.81 -21.40 20.34
CA ARG A 29 -5.56 -20.77 21.62
C ARG A 29 -6.89 -20.42 22.30
N PRO A 30 -6.87 -20.21 23.62
CA PRO A 30 -8.08 -19.77 24.29
C PRO A 30 -8.67 -18.53 23.61
N ALA A 31 -9.99 -18.45 23.48
CA ALA A 31 -10.63 -17.39 22.73
C ALA A 31 -10.27 -16.04 23.35
N ALA A 32 -10.11 -15.99 24.66
CA ALA A 32 -9.76 -14.74 25.33
C ALA A 32 -8.43 -14.21 24.80
N GLU A 33 -7.50 -15.10 24.45
CA GLU A 33 -6.21 -14.67 23.91
C GLU A 33 -6.36 -14.10 22.50
N VAL A 34 -7.26 -14.68 21.73
CA VAL A 34 -7.49 -14.18 20.40
C VAL A 34 -8.19 -12.84 20.47
N HIS A 35 -9.17 -12.70 21.33
CA HIS A 35 -9.89 -11.45 21.53
C HIS A 35 -8.89 -10.36 21.93
N ALA A 36 -7.97 -10.66 22.83
CA ALA A 36 -6.97 -9.66 23.26
C ALA A 36 -6.09 -9.20 22.09
N ALA A 37 -5.67 -10.13 21.24
CA ALA A 37 -4.89 -9.80 20.06
C ALA A 37 -5.67 -8.90 19.13
N LEU A 38 -6.94 -9.23 18.88
CA LEU A 38 -7.75 -8.42 17.98
C LEU A 38 -8.04 -7.03 18.54
N GLU A 39 -8.22 -6.93 19.85
CA GLU A 39 -8.38 -5.65 20.48
C GLU A 39 -7.16 -4.78 20.19
N GLU A 40 -5.97 -5.38 20.31
CA GLU A 40 -4.73 -4.65 20.07
C GLU A 40 -4.54 -4.31 18.61
N VAL A 41 -4.94 -5.16 17.69
CA VAL A 41 -4.92 -4.81 16.26
C VAL A 41 -5.66 -3.53 15.99
N PHE A 42 -6.86 -3.41 16.52
CA PHE A 42 -7.70 -2.28 16.18
C PHE A 42 -7.32 -1.03 16.97
N THR A 43 -6.75 -1.21 18.16
CA THR A 43 -6.14 -0.09 18.89
C THR A 43 -4.92 0.44 18.09
N LEU A 44 -4.10 -0.45 17.57
CA LEU A 44 -2.95 -0.07 16.75
C LEU A 44 -3.42 0.76 15.56
N LEU A 45 -4.45 0.31 14.86
CA LEU A 45 -4.92 1.04 13.69
C LEU A 45 -5.40 2.45 14.06
N GLN A 46 -6.12 2.58 15.18
CA GLN A 46 -6.55 3.88 15.65
C GLN A 46 -5.36 4.76 15.97
N GLN A 47 -4.36 4.22 16.66
CA GLN A 47 -3.19 5.02 17.04
C GLN A 47 -2.43 5.45 15.79
N GLN A 48 -2.28 4.53 14.84
CA GLN A 48 -1.44 4.81 13.68
C GLN A 48 -2.11 5.75 12.70
N GLU A 49 -3.43 5.78 12.70
CA GLU A 49 -4.14 6.79 11.91
C GLU A 49 -3.66 8.17 12.33
N MET A 50 -3.37 8.34 13.62
CA MET A 50 -2.94 9.62 14.17
C MET A 50 -1.44 9.89 13.99
N VAL A 51 -0.71 8.91 13.50
CA VAL A 51 0.70 9.09 13.18
C VAL A 51 0.88 9.40 11.69
N LEU A 52 0.23 8.62 10.84
CA LEU A 52 0.57 8.52 9.42
C LEU A 52 -0.33 9.33 8.49
N SER A 53 -1.47 9.79 8.97
CA SER A 53 -2.48 10.32 8.06
C SER A 53 -2.05 11.64 7.44
N ALA A 54 -2.14 11.73 6.11
CA ALA A 54 -1.71 12.92 5.39
C ALA A 54 -2.78 14.00 5.37
N TYR A 55 -4.04 13.61 5.58
CA TYR A 55 -5.17 14.50 5.42
C TYR A 55 -5.77 14.96 6.76
N ARG A 56 -4.98 14.89 7.83
CA ARG A 56 -5.42 15.36 9.15
C ARG A 56 -4.42 16.33 9.72
N ASP A 57 -4.92 17.35 10.43
CA ASP A 57 -4.07 18.41 10.97
C ASP A 57 -3.31 17.95 12.21
N ASP A 58 -3.78 16.88 12.84
CA ASP A 58 -3.31 16.51 14.17
C ASP A 58 -2.41 15.28 14.15
N SER A 59 -2.02 14.82 12.97
CA SER A 59 -1.17 13.64 12.87
C SER A 59 0.31 14.01 13.03
N ALA A 60 1.13 13.03 13.40
CA ALA A 60 2.57 13.24 13.46
C ALA A 60 3.11 13.65 12.09
N LEU A 61 2.59 13.05 11.03
CA LEU A 61 3.03 13.38 9.69
C LEU A 61 2.69 14.82 9.33
N ALA A 62 1.50 15.27 9.73
CA ALA A 62 1.11 16.64 9.48
C ALA A 62 2.05 17.61 10.20
N ALA A 63 2.45 17.26 11.42
CA ALA A 63 3.39 18.11 12.16
C ALA A 63 4.75 18.16 11.46
N LEU A 64 5.20 17.03 10.95
CA LEU A 64 6.44 16.99 10.20
C LEU A 64 6.38 17.89 8.96
N ASN A 65 5.28 17.77 8.22
CA ASN A 65 5.09 18.59 7.03
C ASN A 65 5.07 20.09 7.33
N ALA A 66 4.57 20.46 8.50
CA ALA A 66 4.52 21.86 8.89
C ALA A 66 5.91 22.45 9.13
N GLN A 67 6.92 21.58 9.27
CA GLN A 67 8.29 22.02 9.48
C GLN A 67 9.17 21.93 8.23
N ALA A 68 8.57 21.75 7.06
CA ALA A 68 9.33 21.75 5.82
C ALA A 68 10.13 23.03 5.67
N GLY A 69 11.41 22.88 5.35
CA GLY A 69 12.30 24.02 5.16
C GLY A 69 12.92 24.52 6.45
N SER A 70 12.68 23.81 7.55
CA SER A 70 13.20 24.22 8.84
C SER A 70 14.07 23.11 9.43
N ALA A 71 14.10 23.02 10.76
CA ALA A 71 15.06 22.15 11.44
C ALA A 71 14.58 20.69 11.46
N PRO A 72 15.52 19.75 11.67
CA PRO A 72 15.16 18.35 11.76
C PRO A 72 14.16 18.11 12.88
N VAL A 73 13.30 17.12 12.68
CA VAL A 73 12.25 16.76 13.65
C VAL A 73 12.45 15.35 14.18
N VAL A 74 12.33 15.18 15.49
CA VAL A 74 12.41 13.86 16.10
C VAL A 74 11.17 13.02 15.81
N VAL A 75 11.39 11.80 15.31
CA VAL A 75 10.30 10.85 15.09
C VAL A 75 10.60 9.53 15.81
N ASP A 76 9.59 8.71 15.99
CA ASP A 76 9.87 7.41 16.61
C ASP A 76 10.50 6.46 15.58
N ARG A 77 11.05 5.35 16.08
CA ARG A 77 11.86 4.44 15.28
C ARG A 77 11.03 3.84 14.15
N SER A 78 9.75 3.61 14.43
CA SER A 78 8.84 2.99 13.49
C SER A 78 8.62 3.88 12.25
N LEU A 79 8.29 5.13 12.50
CA LEU A 79 8.07 6.08 11.42
C LEU A 79 9.37 6.29 10.64
N TYR A 80 10.49 6.40 11.34
CA TYR A 80 11.78 6.54 10.68
C TYR A 80 12.06 5.37 9.73
N ALA A 81 11.82 4.14 10.18
CA ALA A 81 12.06 2.96 9.36
C ALA A 81 11.16 2.94 8.12
N LEU A 82 9.91 3.35 8.29
CA LEU A 82 9.00 3.43 7.16
C LEU A 82 9.49 4.43 6.12
N LEU A 83 9.92 5.60 6.59
CA LEU A 83 10.44 6.62 5.67
C LEU A 83 11.68 6.11 4.95
N GLU A 84 12.57 5.41 5.66
CA GLU A 84 13.75 4.83 5.04
C GLU A 84 13.36 3.88 3.92
N ARG A 85 12.38 3.01 4.17
CA ARG A 85 11.98 2.06 3.15
C ARG A 85 11.30 2.77 1.99
N ALA A 86 10.51 3.79 2.27
CA ALA A 86 9.86 4.54 1.20
C ALA A 86 10.90 5.23 0.30
N LEU A 87 11.93 5.82 0.90
CA LEU A 87 12.97 6.46 0.10
C LEU A 87 13.76 5.42 -0.70
N PHE A 88 13.95 4.24 -0.14
CA PHE A 88 14.57 3.14 -0.88
C PHE A 88 13.79 2.82 -2.17
N PHE A 89 12.48 2.68 -2.07
CA PHE A 89 11.69 2.36 -3.26
C PHE A 89 11.60 3.56 -4.23
N ALA A 90 11.63 4.77 -3.68
CA ALA A 90 11.71 5.97 -4.52
C ALA A 90 12.98 5.92 -5.37
N GLU A 91 14.12 5.65 -4.75
CA GLU A 91 15.37 5.57 -5.48
C GLU A 91 15.34 4.43 -6.50
N LYS A 92 14.95 3.24 -6.06
CA LYS A 92 14.99 2.08 -6.96
C LYS A 92 14.05 2.24 -8.14
N SER A 93 12.90 2.90 -7.94
CA SER A 93 11.93 3.07 -9.00
C SER A 93 12.12 4.36 -9.82
N GLY A 94 13.21 5.09 -9.60
CA GLY A 94 13.44 6.30 -10.37
C GLY A 94 12.38 7.34 -10.09
N GLY A 95 11.85 7.32 -8.87
CA GLY A 95 10.81 8.25 -8.46
C GLY A 95 9.42 7.95 -8.96
N ALA A 96 9.19 6.79 -9.57
CA ALA A 96 7.83 6.42 -10.02
C ALA A 96 6.93 6.32 -8.80
N PHE A 97 7.45 5.68 -7.74
CA PHE A 97 6.90 5.80 -6.40
C PHE A 97 7.65 6.95 -5.72
N ASN A 98 6.92 7.92 -5.19
CA ASN A 98 7.53 9.11 -4.61
C ASN A 98 6.72 9.45 -3.35
N PRO A 99 7.33 9.31 -2.14
CA PRO A 99 6.61 9.59 -0.90
C PRO A 99 6.55 11.07 -0.51
N ALA A 100 7.11 11.93 -1.36
CA ALA A 100 7.14 13.37 -1.13
C ALA A 100 6.33 14.10 -2.19
N LEU A 101 5.23 13.49 -2.59
CA LEU A 101 4.39 14.01 -3.67
C LEU A 101 3.20 14.81 -3.14
N GLY A 102 3.18 15.10 -1.85
CA GLY A 102 2.04 15.74 -1.25
C GLY A 102 1.65 17.10 -1.87
N ALA A 103 2.63 17.91 -2.28
CA ALA A 103 2.31 19.18 -2.93
C ALA A 103 1.37 18.98 -4.12
N VAL A 104 1.59 17.92 -4.88
CA VAL A 104 0.77 17.61 -6.05
C VAL A 104 -0.51 16.87 -5.68
N VAL A 105 -0.41 15.88 -4.79
CA VAL A 105 -1.58 15.10 -4.43
C VAL A 105 -2.64 15.98 -3.77
N LYS A 106 -2.22 16.90 -2.91
CA LYS A 106 -3.17 17.75 -2.19
C LYS A 106 -4.02 18.57 -3.14
N LEU A 107 -3.43 19.02 -4.24
CA LEU A 107 -4.20 19.73 -5.25
C LEU A 107 -5.24 18.78 -5.88
N TRP A 108 -4.81 17.56 -6.17
CA TRP A 108 -5.74 16.57 -6.71
C TRP A 108 -6.74 16.08 -5.65
N ASN A 109 -6.37 16.10 -4.37
CA ASN A 109 -7.31 15.69 -3.32
C ASN A 109 -8.50 16.66 -3.20
N ILE A 110 -8.23 17.95 -3.38
CA ILE A 110 -9.33 18.92 -3.38
C ILE A 110 -10.08 18.80 -4.71
N GLY A 111 -9.37 18.45 -5.77
CA GLY A 111 -9.99 18.21 -7.06
C GLY A 111 -11.07 17.14 -6.98
N PHE A 112 -10.76 16.04 -6.29
CA PHE A 112 -11.75 14.97 -6.09
C PHE A 112 -13.00 15.53 -5.43
N ASP A 113 -12.80 16.24 -4.32
CA ASP A 113 -13.90 16.82 -3.57
C ASP A 113 -14.71 17.79 -4.44
N ARG A 114 -14.01 18.60 -5.22
CA ARG A 114 -14.66 19.63 -6.03
C ARG A 114 -15.04 19.14 -7.44
N ALA A 115 -14.61 17.92 -7.79
CA ALA A 115 -14.81 17.39 -9.13
C ALA A 115 -14.22 18.31 -10.19
N ALA A 116 -13.01 18.80 -9.92
CA ALA A 116 -12.34 19.76 -10.80
C ALA A 116 -10.85 19.47 -10.91
N VAL A 117 -10.32 19.62 -12.12
CA VAL A 117 -8.90 19.41 -12.41
C VAL A 117 -8.10 20.63 -11.93
N PRO A 118 -6.91 20.39 -11.32
CA PRO A 118 -6.08 21.52 -10.89
C PRO A 118 -5.56 22.39 -12.03
N ASP A 119 -5.36 23.68 -11.75
CA ASP A 119 -4.83 24.61 -12.73
C ASP A 119 -3.44 24.18 -13.22
N PRO A 120 -3.07 24.56 -14.46
CA PRO A 120 -1.79 24.12 -15.01
C PRO A 120 -0.59 24.66 -14.24
N ASP A 121 -0.53 25.98 -14.07
CA ASP A 121 0.62 26.62 -13.41
C ASP A 121 0.74 26.21 -11.95
N ALA A 122 -0.39 26.19 -11.24
CA ALA A 122 -0.42 25.69 -9.86
C ALA A 122 0.17 24.30 -9.80
N LEU A 123 -0.20 23.47 -10.76
CA LEU A 123 0.29 22.12 -10.83
C LEU A 123 1.78 22.12 -11.19
N LYS A 124 2.16 22.99 -12.10
CA LYS A 124 3.55 23.10 -12.49
C LYS A 124 4.41 23.54 -11.31
N GLU A 125 3.87 24.48 -10.52
CA GLU A 125 4.57 24.91 -9.32
C GLU A 125 4.71 23.79 -8.28
N ALA A 126 3.65 23.01 -8.09
CA ALA A 126 3.68 21.95 -7.08
C ALA A 126 4.76 20.90 -7.37
N LEU A 127 4.96 20.60 -8.64
CA LEU A 127 5.96 19.63 -9.02
C LEU A 127 7.39 20.02 -8.61
N THR A 128 7.62 21.32 -8.39
CA THR A 128 8.94 21.78 -7.96
C THR A 128 9.24 21.50 -6.48
N ARG A 129 8.25 21.02 -5.74
CA ARG A 129 8.37 20.80 -4.31
C ARG A 129 8.17 19.31 -3.96
N CYS A 130 8.59 18.41 -4.85
CA CYS A 130 8.40 16.96 -4.70
C CYS A 130 9.69 16.16 -4.84
N ASP A 131 10.83 16.76 -4.55
CA ASP A 131 12.09 16.05 -4.71
C ASP A 131 12.39 15.24 -3.46
N PHE A 132 12.13 13.93 -3.52
CA PHE A 132 12.29 13.08 -2.35
C PHE A 132 13.75 12.99 -1.90
N ARG A 133 14.69 13.41 -2.76
CA ARG A 133 16.10 13.37 -2.38
C ARG A 133 16.42 14.45 -1.36
N GLN A 134 15.49 15.36 -1.13
CA GLN A 134 15.65 16.40 -0.14
C GLN A 134 14.98 16.07 1.20
N VAL A 135 14.54 14.83 1.34
CA VAL A 135 14.15 14.28 2.63
C VAL A 135 15.39 13.66 3.26
N HIS A 136 15.86 14.27 4.34
CA HIS A 136 17.08 13.82 4.99
C HIS A 136 16.78 13.12 6.30
N LEU A 137 17.09 11.83 6.32
CA LEU A 137 16.94 11.00 7.50
C LEU A 137 18.29 10.89 8.18
N ARG A 138 18.33 11.22 9.48
CA ARG A 138 19.54 11.12 10.29
C ARG A 138 19.27 10.42 11.63
N ALA A 139 20.17 9.51 12.00
CA ALA A 139 20.04 8.77 13.25
C ALA A 139 21.43 8.52 13.79
N GLY A 140 21.69 9.02 14.97
CA GLY A 140 23.00 8.84 15.56
C GLY A 140 23.21 7.40 15.96
N VAL A 141 24.47 7.04 16.12
CA VAL A 141 24.85 5.65 16.35
C VAL A 141 25.03 5.32 17.83
N SER A 142 25.01 6.31 18.71
CA SER A 142 25.20 6.06 20.13
C SER A 142 23.92 5.61 20.81
N VAL A 143 24.10 5.10 22.02
CA VAL A 143 23.00 4.53 22.76
C VAL A 143 21.87 5.55 22.94
N GLY A 144 20.65 5.14 22.58
CA GLY A 144 19.49 5.99 22.70
C GLY A 144 19.45 7.23 21.83
N ALA A 145 20.29 7.30 20.80
CA ALA A 145 20.33 8.50 19.98
C ALA A 145 19.00 8.67 19.22
N PRO A 146 18.46 9.89 19.16
CA PRO A 146 17.20 10.09 18.45
C PRO A 146 17.26 9.86 16.93
N HIS A 147 16.09 9.63 16.37
CA HIS A 147 15.91 9.52 14.92
C HIS A 147 15.27 10.81 14.44
N THR A 148 15.81 11.41 13.38
CA THR A 148 15.26 12.67 12.89
C THR A 148 15.01 12.70 11.38
N VAL A 149 14.07 13.58 10.99
CA VAL A 149 13.69 13.78 9.60
C VAL A 149 13.78 15.27 9.32
N GLN A 150 14.42 15.65 8.23
CA GLN A 150 14.41 17.04 7.77
C GLN A 150 13.95 17.11 6.33
N LEU A 151 12.95 17.95 6.10
CA LEU A 151 12.46 18.22 4.76
C LEU A 151 13.14 19.51 4.31
N ALA A 152 14.18 19.36 3.48
CA ALA A 152 15.09 20.48 3.18
C ALA A 152 14.52 21.47 2.18
N GLN A 153 13.63 21.00 1.31
CA GLN A 153 13.03 21.78 0.23
C GLN A 153 11.81 22.50 0.78
N ALA A 154 11.75 23.81 0.61
CA ALA A 154 10.62 24.60 1.10
C ALA A 154 9.31 24.12 0.48
N GLY A 155 8.28 23.94 1.31
CA GLY A 155 6.95 23.57 0.85
C GLY A 155 6.76 22.12 0.43
N MET A 156 7.75 21.28 0.64
CA MET A 156 7.60 19.88 0.29
C MET A 156 6.75 19.19 1.34
N GLN A 157 5.95 18.21 0.91
CA GLN A 157 5.00 17.53 1.79
C GLN A 157 5.07 16.02 1.59
N LEU A 158 5.26 15.28 2.68
CA LEU A 158 5.19 13.84 2.65
C LEU A 158 3.74 13.38 2.53
N ASP A 159 3.53 12.33 1.75
CA ASP A 159 2.23 11.66 1.64
C ASP A 159 2.58 10.19 1.55
N LEU A 160 2.16 9.42 2.55
CA LEU A 160 2.52 8.01 2.59
C LEU A 160 1.35 7.12 2.16
N GLY A 161 0.40 7.68 1.43
CA GLY A 161 -0.76 6.90 1.01
C GLY A 161 -0.44 5.64 0.23
N ALA A 162 0.69 5.62 -0.48
CA ALA A 162 1.03 4.48 -1.33
C ALA A 162 1.84 3.39 -0.61
N ILE A 163 2.10 3.58 0.68
CA ILE A 163 2.88 2.62 1.46
C ILE A 163 2.34 2.36 2.88
N ALA A 164 1.48 3.26 3.38
CA ALA A 164 1.05 3.14 4.79
C ALA A 164 0.21 1.89 5.05
N LYS A 165 -0.71 1.53 4.17
CA LYS A 165 -1.47 0.32 4.41
C LYS A 165 -0.55 -0.89 4.44
N GLY A 166 0.44 -0.95 3.55
CA GLY A 166 1.39 -2.05 3.59
C GLY A 166 2.16 -2.10 4.91
N PHE A 167 2.62 -0.96 5.35
CA PHE A 167 3.32 -0.85 6.62
C PHE A 167 2.44 -1.35 7.76
N LEU A 168 1.18 -0.90 7.79
CA LEU A 168 0.28 -1.32 8.86
C LEU A 168 -0.07 -2.81 8.82
N ALA A 169 -0.20 -3.37 7.62
CA ALA A 169 -0.43 -4.81 7.51
C ALA A 169 0.76 -5.57 8.07
N ASP A 170 1.98 -5.13 7.81
CA ASP A 170 3.16 -5.77 8.38
C ASP A 170 3.18 -5.60 9.90
N LYS A 171 2.82 -4.42 10.40
CA LYS A 171 2.80 -4.23 11.85
C LYS A 171 1.74 -5.13 12.52
N ILE A 172 0.61 -5.32 11.85
CA ILE A 172 -0.43 -6.21 12.36
C ILE A 172 0.06 -7.65 12.39
N VAL A 173 0.72 -8.10 11.32
CA VAL A 173 1.25 -9.47 11.30
C VAL A 173 2.24 -9.65 12.43
N GLN A 174 3.11 -8.68 12.64
CA GLN A 174 4.06 -8.77 13.74
C GLN A 174 3.34 -8.88 15.08
N LEU A 175 2.28 -8.10 15.26
CA LEU A 175 1.48 -8.15 16.46
C LEU A 175 0.78 -9.51 16.64
N LEU A 176 0.18 -10.06 15.59
CA LEU A 176 -0.47 -11.36 15.69
C LEU A 176 0.54 -12.41 16.06
N THR A 177 1.69 -12.41 15.43
CA THR A 177 2.72 -13.37 15.76
C THR A 177 3.21 -13.20 17.20
N ALA A 178 3.26 -11.96 17.70
CA ALA A 178 3.66 -11.72 19.08
C ALA A 178 2.68 -12.34 20.06
N HIS A 179 1.42 -12.48 19.64
CA HIS A 179 0.37 -13.12 20.41
C HIS A 179 0.23 -14.62 20.11
N ALA A 180 1.27 -15.18 19.50
CA ALA A 180 1.38 -16.63 19.26
C ALA A 180 0.31 -17.12 18.29
N LEU A 181 -0.08 -16.26 17.37
CA LEU A 181 -1.01 -16.61 16.30
C LEU A 181 -0.22 -16.80 15.02
N ASP A 182 -0.64 -17.77 14.21
CA ASP A 182 0.10 -18.10 13.00
C ASP A 182 -0.79 -18.34 11.79
N SER A 183 -2.08 -18.00 11.89
CA SER A 183 -3.04 -18.20 10.80
C SER A 183 -3.99 -17.01 10.74
N ALA A 184 -3.85 -16.16 9.75
CA ALA A 184 -4.70 -14.98 9.65
C ALA A 184 -4.75 -14.45 8.25
N LEU A 185 -5.85 -13.73 7.96
CA LEU A 185 -5.98 -12.96 6.75
C LEU A 185 -6.26 -11.52 7.16
N VAL A 186 -5.29 -10.67 6.89
CA VAL A 186 -5.36 -9.24 7.20
C VAL A 186 -5.78 -8.51 5.93
N ASP A 187 -6.81 -7.68 6.02
CA ASP A 187 -7.36 -6.99 4.86
C ASP A 187 -7.63 -5.56 5.21
N LEU A 188 -6.71 -4.68 4.81
CA LEU A 188 -6.84 -3.24 5.07
C LEU A 188 -7.26 -2.58 3.77
N GLY A 189 -8.56 -2.37 3.58
CA GLY A 189 -9.03 -1.74 2.36
C GLY A 189 -8.54 -2.46 1.10
N GLY A 190 -8.45 -3.79 1.15
CA GLY A 190 -8.02 -4.58 0.02
C GLY A 190 -6.54 -4.92 0.00
N ASN A 191 -5.78 -4.29 0.89
CA ASN A 191 -4.35 -4.54 1.04
C ASN A 191 -4.21 -5.77 1.94
N ILE A 192 -3.85 -6.90 1.34
CA ILE A 192 -3.98 -8.20 2.01
C ILE A 192 -2.65 -8.72 2.52
N PHE A 193 -2.68 -9.32 3.72
CA PHE A 193 -1.58 -10.19 4.14
C PHE A 193 -2.17 -11.53 4.55
N ALA A 194 -1.71 -12.58 3.88
CA ALA A 194 -2.07 -13.96 4.18
C ALA A 194 -0.99 -14.57 5.05
N LEU A 195 -1.28 -14.71 6.33
CA LEU A 195 -0.36 -15.26 7.32
C LEU A 195 -0.62 -16.74 7.47
N GLY A 196 0.39 -17.55 7.26
CA GLY A 196 0.27 -18.98 7.45
C GLY A 196 -0.69 -19.63 6.48
N LEU A 197 -1.33 -20.68 6.97
CA LEU A 197 -2.32 -21.44 6.22
C LEU A 197 -3.66 -21.33 6.91
N LYS A 198 -4.74 -21.39 6.15
CA LYS A 198 -6.07 -21.49 6.78
C LYS A 198 -6.38 -22.95 7.12
N TYR A 199 -7.57 -23.18 7.67
CA TYR A 199 -8.05 -24.53 7.93
C TYR A 199 -9.20 -24.78 6.97
N GLY A 200 -9.40 -26.05 6.62
CA GLY A 200 -10.47 -26.44 5.72
C GLY A 200 -11.74 -26.83 6.46
N ALA A 207 -9.68 -30.19 9.60
CA ALA A 207 -8.33 -30.40 10.13
C ALA A 207 -7.26 -30.12 9.07
N GLN A 208 -7.68 -30.10 7.81
CA GLN A 208 -6.74 -29.89 6.71
C GLN A 208 -6.27 -28.44 6.68
N ARG A 209 -4.97 -28.26 6.48
CA ARG A 209 -4.42 -26.93 6.35
C ARG A 209 -4.26 -26.60 4.87
N LEU A 210 -4.72 -25.42 4.48
CA LEU A 210 -4.77 -25.04 3.07
C LEU A 210 -4.25 -23.64 2.87
N GLU A 211 -3.73 -23.36 1.70
CA GLU A 211 -3.36 -22.00 1.36
C GLU A 211 -4.56 -21.08 1.34
N TRP A 212 -4.33 -19.81 1.62
CA TRP A 212 -5.36 -18.80 1.50
C TRP A 212 -5.56 -18.50 0.02
N ASN A 213 -6.83 -18.37 -0.40
CA ASN A 213 -7.18 -18.08 -1.79
C ASN A 213 -7.54 -16.61 -1.90
N VAL A 214 -6.55 -15.82 -2.26
CA VAL A 214 -6.68 -14.37 -2.27
C VAL A 214 -7.27 -13.88 -3.60
N GLY A 215 -8.37 -13.13 -3.52
CA GLY A 215 -9.04 -12.66 -4.71
C GLY A 215 -8.41 -11.39 -5.26
N ILE A 216 -8.46 -11.24 -6.58
CA ILE A 216 -8.02 -10.04 -7.28
C ILE A 216 -9.24 -9.56 -8.08
N ARG A 217 -9.62 -8.30 -7.93
CA ARG A 217 -10.86 -7.80 -8.53
C ARG A 217 -10.72 -7.51 -10.02
N ASP A 218 -11.82 -7.64 -10.74
CA ASP A 218 -12.00 -7.01 -12.03
C ASP A 218 -11.71 -5.52 -11.84
N PRO A 219 -10.74 -4.98 -12.58
CA PRO A 219 -10.45 -3.54 -12.45
C PRO A 219 -11.67 -2.65 -12.56
N HIS A 220 -12.66 -3.07 -13.34
CA HIS A 220 -13.90 -2.31 -13.52
C HIS A 220 -15.07 -2.85 -12.72
N GLY A 221 -14.81 -3.83 -11.88
CA GLY A 221 -15.88 -4.50 -11.17
C GLY A 221 -16.57 -3.60 -10.17
N THR A 222 -17.82 -3.92 -9.89
CA THR A 222 -18.51 -3.36 -8.73
C THR A 222 -17.78 -3.81 -7.47
N GLY A 223 -16.84 -4.75 -7.64
CA GLY A 223 -15.93 -5.16 -6.59
C GLY A 223 -16.48 -6.30 -5.78
N GLN A 224 -17.69 -6.72 -6.12
CA GLN A 224 -18.35 -7.83 -5.43
C GLN A 224 -17.55 -9.12 -5.56
N LYS A 225 -17.45 -9.64 -6.78
CA LYS A 225 -16.76 -10.89 -7.04
C LYS A 225 -15.30 -10.65 -7.44
N PRO A 226 -14.38 -11.51 -6.98
CA PRO A 226 -13.05 -11.40 -7.59
C PRO A 226 -13.03 -12.00 -9.00
N ALA A 227 -12.16 -11.49 -9.87
CA ALA A 227 -12.04 -12.03 -11.22
C ALA A 227 -11.13 -13.26 -11.23
N LEU A 228 -10.20 -13.30 -10.29
CA LEU A 228 -9.23 -14.39 -10.19
C LEU A 228 -8.96 -14.59 -8.71
N VAL A 229 -8.41 -15.76 -8.35
CA VAL A 229 -7.87 -15.99 -7.01
C VAL A 229 -6.49 -16.60 -7.15
N VAL A 230 -5.64 -16.32 -6.17
CA VAL A 230 -4.28 -16.83 -6.14
C VAL A 230 -4.05 -17.49 -4.77
N SER A 231 -3.59 -18.73 -4.77
CA SER A 231 -3.38 -19.48 -3.56
C SER A 231 -1.98 -19.19 -3.00
N VAL A 232 -1.92 -18.72 -1.76
CA VAL A 232 -0.65 -18.26 -1.18
C VAL A 232 -0.55 -18.59 0.31
N ARG A 233 0.68 -18.56 0.81
CA ARG A 233 1.02 -18.70 2.22
C ARG A 233 2.07 -17.64 2.57
N ASP A 234 1.92 -17.00 3.73
CA ASP A 234 2.95 -16.10 4.27
C ASP A 234 3.36 -15.05 3.25
N CYS A 235 2.37 -14.37 2.71
CA CYS A 235 2.52 -13.54 1.53
C CYS A 235 1.56 -12.36 1.59
N SER A 236 2.04 -11.17 1.23
CA SER A 236 1.15 -10.02 1.03
C SER A 236 0.78 -9.96 -0.44
N VAL A 237 -0.45 -9.52 -0.70
CA VAL A 237 -0.96 -9.30 -2.06
C VAL A 237 -1.56 -7.92 -2.06
N VAL A 238 -0.89 -7.02 -2.79
CA VAL A 238 -1.34 -5.63 -2.84
C VAL A 238 -1.51 -5.18 -4.28
N THR A 239 -2.65 -4.57 -4.54
CA THR A 239 -3.04 -4.15 -5.88
C THR A 239 -3.19 -2.64 -5.96
N SER A 240 -2.63 -2.07 -7.03
CA SER A 240 -2.86 -0.67 -7.41
C SER A 240 -3.51 -0.70 -8.79
N GLY A 241 -4.55 0.09 -8.99
CA GLY A 241 -5.32 0.03 -10.22
C GLY A 241 -5.89 1.38 -10.64
N ALA A 242 -6.30 1.43 -11.91
CA ALA A 242 -6.74 2.66 -12.59
C ALA A 242 -8.17 3.08 -12.29
N TYR A 243 -8.98 2.21 -11.67
CA TYR A 243 -10.39 2.51 -11.47
C TYR A 243 -10.84 2.23 -10.05
N GLU A 244 -9.90 2.25 -9.11
CA GLU A 244 -10.22 2.05 -7.71
C GLU A 244 -10.66 3.33 -7.02
N ARG A 245 -10.06 4.46 -7.41
CA ARG A 245 -10.45 5.77 -6.91
C ARG A 245 -10.23 6.81 -8.00
N PHE A 246 -11.33 7.44 -8.41
CA PHE A 246 -11.27 8.43 -9.48
C PHE A 246 -12.47 9.37 -9.42
N PHE A 247 -12.38 10.47 -10.15
CA PHE A 247 -13.54 11.30 -10.42
C PHE A 247 -13.54 11.57 -11.92
N GLU A 248 -14.66 12.10 -12.40
CA GLU A 248 -14.83 12.39 -13.82
C GLU A 248 -15.18 13.84 -14.01
N ARG A 249 -14.64 14.42 -15.08
CA ARG A 249 -15.02 15.77 -15.47
C ARG A 249 -14.95 15.90 -16.98
N ASP A 250 -16.07 16.31 -17.57
CA ASP A 250 -16.17 16.51 -19.01
C ASP A 250 -15.69 15.29 -19.81
N GLY A 251 -16.13 14.11 -19.39
CA GLY A 251 -15.89 12.89 -20.12
C GLY A 251 -14.54 12.25 -19.89
N VAL A 252 -13.73 12.85 -19.02
CA VAL A 252 -12.39 12.34 -18.73
C VAL A 252 -12.33 11.84 -17.29
N ARG A 253 -11.76 10.66 -17.11
CA ARG A 253 -11.58 10.05 -15.80
C ARG A 253 -10.20 10.37 -15.25
N TYR A 254 -10.15 10.80 -13.99
CA TYR A 254 -8.89 11.11 -13.31
C TYR A 254 -8.74 10.26 -12.07
N HIS A 255 -7.84 9.29 -12.12
CA HIS A 255 -7.63 8.39 -10.98
C HIS A 255 -6.54 8.94 -10.04
N HIS A 256 -6.33 8.26 -8.94
CA HIS A 256 -5.60 8.83 -7.82
C HIS A 256 -4.09 8.57 -7.81
N ILE A 257 -3.57 7.80 -8.76
CA ILE A 257 -2.15 7.48 -8.78
C ILE A 257 -1.47 8.39 -9.79
N ILE A 258 -0.62 9.28 -9.29
CA ILE A 258 -0.03 10.35 -10.08
C ILE A 258 1.28 9.91 -10.70
N ASP A 259 1.48 10.23 -11.97
CA ASP A 259 2.81 10.14 -12.59
C ASP A 259 3.64 11.37 -12.19
N PRO A 260 4.72 11.18 -11.42
CA PRO A 260 5.45 12.37 -10.97
C PRO A 260 6.09 13.20 -12.07
N VAL A 261 6.22 12.65 -13.27
CA VAL A 261 6.80 13.40 -14.37
C VAL A 261 5.80 14.40 -14.95
N THR A 262 4.54 14.01 -15.03
CA THR A 262 3.50 14.85 -15.60
C THR A 262 2.68 15.64 -14.57
N GLY A 263 2.62 15.13 -13.35
CA GLY A 263 1.77 15.71 -12.33
C GLY A 263 0.30 15.39 -12.55
N PHE A 264 0.02 14.49 -13.50
CA PHE A 264 -1.33 14.00 -13.81
C PHE A 264 -1.46 12.52 -13.46
N PRO A 265 -2.70 12.04 -13.32
CA PRO A 265 -2.88 10.58 -13.16
C PRO A 265 -2.12 9.82 -14.24
N ALA A 266 -1.41 8.78 -13.84
CA ALA A 266 -0.56 8.05 -14.77
C ALA A 266 -1.33 7.47 -15.95
N HIS A 267 -0.77 7.65 -17.15
CA HIS A 267 -1.26 6.99 -18.35
C HIS A 267 -0.41 5.76 -18.52
N THR A 268 -0.99 4.58 -18.34
CA THR A 268 -0.21 3.36 -18.28
C THR A 268 -0.90 2.27 -19.10
N ASP A 269 -0.17 1.17 -19.37
CA ASP A 269 -0.67 0.14 -20.28
C ASP A 269 -1.32 -1.03 -19.55
N VAL A 270 -1.44 -0.94 -18.24
CA VAL A 270 -2.10 -1.96 -17.43
C VAL A 270 -3.25 -1.31 -16.68
N ASP A 271 -4.29 -2.09 -16.42
CA ASP A 271 -5.41 -1.64 -15.59
C ASP A 271 -5.12 -1.86 -14.12
N SER A 272 -4.37 -2.91 -13.78
CA SER A 272 -3.95 -3.10 -12.40
C SER A 272 -2.66 -3.89 -12.33
N VAL A 273 -1.95 -3.70 -11.23
CA VAL A 273 -0.79 -4.50 -10.90
C VAL A 273 -0.93 -4.98 -9.47
N SER A 274 -0.74 -6.29 -9.27
CA SER A 274 -0.79 -6.92 -7.96
C SER A 274 0.60 -7.45 -7.66
N ILE A 275 1.14 -7.08 -6.51
CA ILE A 275 2.48 -7.52 -6.10
C ILE A 275 2.33 -8.49 -4.93
N PHE A 276 3.11 -9.55 -5.00
CA PHE A 276 3.13 -10.63 -4.02
C PHE A 276 4.51 -10.57 -3.39
N ALA A 277 4.57 -10.32 -2.09
CA ALA A 277 5.87 -10.15 -1.42
C ALA A 277 5.78 -10.59 0.03
N PRO A 278 6.91 -10.98 0.63
CA PRO A 278 6.91 -11.32 2.05
C PRO A 278 6.58 -10.15 2.97
N ARG A 279 6.78 -8.92 2.50
CA ARG A 279 6.50 -7.71 3.27
C ARG A 279 5.48 -6.90 2.52
N SER A 280 4.38 -6.58 3.21
CA SER A 280 3.32 -5.79 2.60
C SER A 280 3.77 -4.35 2.32
N THR A 281 4.69 -3.83 3.14
CA THR A 281 5.28 -2.51 2.88
C THR A 281 5.83 -2.47 1.46
N ASP A 282 6.59 -3.51 1.13
CA ASP A 282 7.25 -3.61 -0.15
C ASP A 282 6.25 -3.81 -1.28
N ALA A 283 5.27 -4.70 -1.05
CA ALA A 283 4.26 -4.95 -2.07
C ALA A 283 3.47 -3.67 -2.39
N ASP A 284 3.15 -2.88 -1.38
CA ASP A 284 2.37 -1.65 -1.57
C ASP A 284 3.21 -0.63 -2.38
N ALA A 285 4.45 -0.40 -1.98
CA ALA A 285 5.27 0.59 -2.67
C ALA A 285 5.48 0.14 -4.10
N LEU A 286 5.78 -1.14 -4.30
CA LEU A 286 6.06 -1.64 -5.64
C LEU A 286 4.83 -1.63 -6.54
N ALA A 287 3.65 -1.89 -5.97
CA ALA A 287 2.44 -1.89 -6.78
C ALA A 287 2.24 -0.51 -7.39
N THR A 288 2.47 0.53 -6.60
CA THR A 288 2.35 1.89 -7.08
C THR A 288 3.41 2.23 -8.15
N ALA A 289 4.66 1.90 -7.86
CA ALA A 289 5.75 2.14 -8.80
C ALA A 289 5.46 1.46 -10.13
N CYS A 290 5.05 0.19 -10.07
CA CYS A 290 4.82 -0.59 -11.27
C CYS A 290 3.66 -0.06 -12.08
N PHE A 291 2.59 0.36 -11.41
CA PHE A 291 1.45 0.93 -12.11
C PHE A 291 1.89 2.17 -12.90
N VAL A 292 2.66 3.06 -12.28
CA VAL A 292 3.19 4.25 -12.95
C VAL A 292 4.13 3.89 -14.10
N LEU A 293 4.99 2.88 -13.89
CA LEU A 293 6.01 2.53 -14.88
C LEU A 293 5.47 1.83 -16.11
N GLY A 294 4.38 1.10 -15.93
CA GLY A 294 3.85 0.31 -17.02
C GLY A 294 4.53 -1.05 -17.10
N TYR A 295 4.03 -1.91 -17.98
CA TYR A 295 4.39 -3.33 -17.93
C TYR A 295 5.87 -3.61 -18.17
N GLU A 296 6.43 -3.12 -19.28
CA GLU A 296 7.79 -3.48 -19.61
C GLU A 296 8.77 -2.95 -18.57
N LYS A 297 8.62 -1.70 -18.17
CA LYS A 297 9.54 -1.15 -17.18
C LYS A 297 9.34 -1.77 -15.80
N SER A 298 8.11 -2.17 -15.49
CA SER A 298 7.86 -2.92 -14.26
C SER A 298 8.63 -4.23 -14.26
N CYS A 299 8.61 -4.96 -15.35
CA CYS A 299 9.30 -6.23 -15.39
C CYS A 299 10.79 -6.01 -15.16
N ALA A 300 11.34 -4.93 -15.73
CA ALA A 300 12.75 -4.59 -15.52
C ALA A 300 13.05 -4.28 -14.05
N LEU A 301 12.24 -3.44 -13.42
CA LEU A 301 12.40 -3.13 -12.00
C LEU A 301 12.30 -4.39 -11.15
N LEU A 302 11.31 -5.23 -11.43
CA LEU A 302 11.06 -6.38 -10.58
C LEU A 302 12.19 -7.41 -10.64
N ARG A 303 12.98 -7.39 -11.71
CA ARG A 303 14.14 -8.29 -11.79
C ARG A 303 15.11 -7.99 -10.65
N GLU A 304 15.03 -6.78 -10.10
CA GLU A 304 15.88 -6.39 -8.99
C GLU A 304 15.39 -6.90 -7.63
N PHE A 305 14.19 -7.49 -7.63
CA PHE A 305 13.54 -8.02 -6.43
C PHE A 305 13.09 -9.46 -6.64
N PRO A 306 14.05 -10.40 -6.65
CA PRO A 306 13.77 -11.81 -6.96
C PRO A 306 12.74 -12.45 -6.05
N GLY A 307 12.62 -11.96 -4.82
CA GLY A 307 11.69 -12.53 -3.86
C GLY A 307 10.24 -12.09 -4.01
N VAL A 308 9.94 -11.28 -5.03
CA VAL A 308 8.57 -10.84 -5.26
C VAL A 308 8.04 -11.39 -6.57
N ASP A 309 6.72 -11.50 -6.61
CA ASP A 309 6.02 -11.86 -7.83
C ASP A 309 5.00 -10.80 -8.18
N ALA A 310 4.49 -10.86 -9.40
CA ALA A 310 3.59 -9.83 -9.89
C ALA A 310 2.54 -10.41 -10.81
N LEU A 311 1.37 -9.80 -10.81
CA LEU A 311 0.28 -10.17 -11.70
C LEU A 311 -0.30 -8.88 -12.28
N PHE A 312 -0.30 -8.82 -13.61
CA PHE A 312 -0.76 -7.66 -14.36
C PHE A 312 -2.07 -7.97 -15.06
N ILE A 313 -3.06 -7.10 -14.92
CA ILE A 313 -4.31 -7.22 -15.68
C ILE A 313 -4.32 -6.07 -16.68
N PHE A 314 -4.42 -6.43 -17.96
CA PHE A 314 -4.43 -5.49 -19.06
C PHE A 314 -5.84 -5.04 -19.41
N PRO A 315 -5.99 -3.90 -20.09
CA PRO A 315 -7.32 -3.42 -20.49
C PRO A 315 -8.07 -4.40 -21.39
N ASP A 316 -7.36 -5.27 -22.09
CA ASP A 316 -8.01 -6.28 -22.93
C ASP A 316 -8.32 -7.58 -22.20
N LYS A 317 -8.18 -7.54 -20.88
CA LYS A 317 -8.52 -8.65 -19.99
C LYS A 317 -7.54 -9.82 -20.08
N ARG A 318 -6.41 -9.64 -20.75
CA ARG A 318 -5.32 -10.59 -20.59
C ARG A 318 -4.66 -10.38 -19.23
N VAL A 319 -4.19 -11.48 -18.66
CA VAL A 319 -3.53 -11.47 -17.37
C VAL A 319 -2.17 -12.14 -17.54
N ARG A 320 -1.13 -11.48 -17.06
CA ARG A 320 0.20 -12.06 -17.06
C ARG A 320 0.72 -12.11 -15.63
N ALA A 321 1.23 -13.27 -15.24
CA ALA A 321 1.73 -13.46 -13.89
C ALA A 321 3.15 -14.03 -13.95
N SER A 322 3.99 -13.62 -13.00
CA SER A 322 5.36 -14.10 -12.97
C SER A 322 5.45 -15.55 -12.56
N ALA A 323 6.62 -16.14 -12.79
CA ALA A 323 6.79 -17.58 -12.73
C ALA A 323 6.51 -18.14 -11.34
N GLY A 324 6.77 -17.33 -10.32
CA GLY A 324 6.59 -17.78 -8.95
C GLY A 324 5.16 -17.94 -8.50
N ILE A 325 4.22 -17.34 -9.23
CA ILE A 325 2.80 -17.43 -8.85
C ILE A 325 1.85 -17.93 -9.93
N VAL A 326 2.30 -18.01 -11.19
CA VAL A 326 1.38 -18.27 -12.28
C VAL A 326 0.62 -19.59 -12.13
N ASP A 327 1.27 -20.61 -11.57
CA ASP A 327 0.63 -21.90 -11.37
C ASP A 327 -0.39 -21.88 -10.22
N ARG A 328 -0.41 -20.80 -9.46
CA ARG A 328 -1.29 -20.64 -8.29
C ARG A 328 -2.52 -19.80 -8.59
N VAL A 329 -2.61 -19.31 -9.83
CA VAL A 329 -3.72 -18.46 -10.26
C VAL A 329 -4.88 -19.28 -10.84
N ARG A 330 -6.10 -18.95 -10.42
CA ARG A 330 -7.30 -19.54 -10.99
C ARG A 330 -8.24 -18.43 -11.43
N VAL A 331 -8.62 -18.45 -12.70
CA VAL A 331 -9.55 -17.48 -13.24
C VAL A 331 -10.99 -17.85 -12.86
N LEU A 332 -11.70 -16.91 -12.25
CA LEU A 332 -13.11 -17.13 -11.89
C LEU A 332 -14.08 -16.51 -12.89
N ASP A 333 -13.70 -15.35 -13.41
CA ASP A 333 -14.49 -14.63 -14.39
C ASP A 333 -13.90 -14.96 -15.76
N ALA A 334 -14.62 -15.78 -16.53
CA ALA A 334 -14.10 -16.32 -17.80
C ALA A 334 -13.88 -15.27 -18.89
N ARG A 335 -14.28 -14.02 -18.65
CA ARG A 335 -13.92 -12.96 -19.61
C ARG A 335 -12.42 -12.71 -19.60
N PHE A 336 -11.74 -13.04 -18.49
CA PHE A 336 -10.30 -12.83 -18.38
C PHE A 336 -9.56 -14.07 -18.82
N VAL A 337 -8.37 -13.87 -19.38
CA VAL A 337 -7.54 -14.97 -19.85
C VAL A 337 -6.19 -14.88 -19.22
N LEU A 338 -5.73 -15.97 -18.62
CA LEU A 338 -4.40 -16.07 -18.04
C LEU A 338 -3.46 -16.60 -19.12
N GLU A 339 -2.48 -15.77 -19.49
CA GLU A 339 -1.45 -16.21 -20.42
C GLU A 339 -0.42 -17.02 -19.65
N ARG A 340 0.09 -18.08 -20.28
CA ARG A 340 0.95 -19.03 -19.58
C ARG A 340 2.37 -19.06 -20.14
MG MG B . 1.07 1.40 -3.02
MG MG C . -1.83 0.82 -1.68
NA NA D . 2.93 6.06 -18.72
NA NA E . -5.70 -0.89 -3.86
PB ADP F . -4.38 2.44 -2.93
O1B ADP F . -3.66 1.70 -1.83
O2B ADP F . -4.99 3.72 -2.44
O3B ADP F . -5.36 1.61 -3.75
PA ADP F . -1.70 3.20 -3.89
O1A ADP F . -1.05 2.29 -2.89
O2A ADP F . -1.17 3.22 -5.28
O3A ADP F . -3.27 2.92 -4.03
O5' ADP F . -1.67 4.64 -3.23
C5' ADP F . -2.08 5.83 -3.92
C4' ADP F . -2.01 6.97 -2.93
O4' ADP F . -0.62 7.34 -2.77
C3' ADP F . -2.72 8.21 -3.41
O3' ADP F . -4.04 8.33 -2.87
C2' ADP F . -1.82 9.34 -2.95
O2' ADP F . -2.06 9.61 -1.57
C1' ADP F . -0.42 8.76 -2.99
N9 ADP F . 0.18 8.79 -4.33
C8 ADP F . -0.37 9.08 -5.53
N7 ADP F . 0.53 8.89 -6.52
C5 ADP F . 1.67 8.47 -5.94
C6 ADP F . 3.00 8.07 -6.38
N6 ADP F . 3.27 8.12 -7.69
N1 ADP F . 3.92 7.70 -5.49
C2 ADP F . 3.63 7.68 -4.17
N3 ADP F . 2.42 8.02 -3.68
C4 ADP F . 1.44 8.42 -4.51
H5'1 ADP F . -3.10 5.72 -4.30
H5'2 ADP F . -1.41 6.02 -4.76
H4' ADP F . -2.43 6.65 -1.96
H3' ADP F . -2.76 8.19 -4.52
HO3' ADP F . -4.46 9.14 -3.21
H2' ADP F . -1.91 10.23 -3.60
HO2' ADP F . -2.98 9.90 -1.46
H1' ADP F . 0.22 9.22 -2.22
H8 ADP F . -1.39 9.40 -5.69
HN61 ADP F . 2.56 8.42 -8.35
HN62 ADP F . 4.19 7.87 -8.03
H2 ADP F . 4.39 7.36 -3.47
C1 EDO G . 6.29 -13.85 -2.41
O1 EDO G . 6.48 -15.07 -1.69
C2 EDO G . 6.50 -14.11 -3.89
O2 EDO G . 5.56 -15.10 -4.33
H11 EDO G . 5.27 -13.47 -2.24
H12 EDO G . 7.00 -13.09 -2.06
HO1 EDO G . 6.35 -14.91 -0.74
H21 EDO G . 7.52 -14.47 -4.06
H22 EDO G . 6.36 -13.18 -4.45
HO2 EDO G . 5.69 -15.27 -5.27
C1 EDO H . 5.48 -11.52 -15.23
O1 EDO H . 6.88 -11.51 -15.53
C2 EDO H . 4.72 -10.74 -16.27
O2 EDO H . 4.87 -11.34 -17.55
H11 EDO H . 5.32 -11.09 -14.24
H12 EDO H . 5.13 -12.55 -15.21
HO1 EDO H . 7.36 -12.02 -14.86
H21 EDO H . 5.09 -9.71 -16.31
H22 EDO H . 3.66 -10.70 -16.01
HO2 EDO H . 4.38 -10.84 -18.22
C1 EDO I . 2.98 3.28 -21.50
O1 EDO I . 2.62 4.46 -20.77
C2 EDO I . 3.42 2.21 -20.52
O2 EDO I . 4.57 2.69 -19.82
H11 EDO I . 3.80 3.51 -22.18
H12 EDO I . 2.13 2.93 -22.08
HO1 EDO I . 2.34 5.15 -21.38
H21 EDO I . 3.67 1.29 -21.06
H22 EDO I . 2.61 2.00 -19.81
HO2 EDO I . 4.87 2.01 -19.18
C ACT J . -9.75 -17.44 1.67
O ACT J . -9.05 -18.41 1.31
OXT ACT J . -10.90 -17.72 2.07
CH3 ACT J . -9.24 -16.04 1.65
H1 ACT J . -10.01 -15.36 2.02
H2 ACT J . -8.36 -15.97 2.28
H3 ACT J . -8.97 -15.76 0.62
C ACT K . -2.66 -20.90 17.12
O ACT K . -3.36 -21.89 17.52
OXT ACT K . -3.19 -19.77 17.07
CH3 ACT K . -1.23 -21.09 16.74
H1 ACT K . -0.81 -20.13 16.44
H2 ACT K . -0.67 -21.48 17.59
H3 ACT K . -1.17 -21.79 15.91
#